data_5GNL
#
_entry.id   5GNL
#
_cell.length_a   61.670
_cell.length_b   61.670
_cell.length_c   98.166
_cell.angle_alpha   90.00
_cell.angle_beta   90.00
_cell.angle_gamma   120.00
#
_symmetry.space_group_name_H-M   'P 31'
#
loop_
_entity.id
_entity.type
_entity.pdbx_description
1 polymer 'Vitamin D(3) 25-hydroxylase'
2 non-polymer 'PROTOPORPHYRIN IX CONTAINING FE'
3 non-polymer 2-(2-METHOXYETHOXY)ETHANOL
4 water water
#
_entity_poly.entity_id   1
_entity_poly.type   'polypeptide(L)'
_entity_poly.pdbx_seq_one_letter_code
;MALTTTGTEQHDLFSGTFWQNPHPAYAALRAEDPVRKLALPDGPVWLLTRYADVREAFVDPRLSKDWRHTLPEDQRADMP
ATPTPMMILMDPPDHTRLRKLVGRSVTVRRMNELEPRITEIADGLLAGLPTDGPVDLMREYAFQIPVQVICELLGVPAED
RDDFSAWSSVLVDDSPADDKNAAMGKLHGYLSDLLERKRTEPDDALLSSLLAVSDEDGDRLSQEELVAMAMLLLIAGHET
TVNLIGNGVLALLTHPDQRKLLAEDPSLISSAVEEFLRFDSPVSQAPIRFTAEDVTYSGVTIPAGEMVMLGLAAANRDAD
WMPEPDRLDITRDASGGVFFGHGIHFCLGAQLARLEGRVAIGRLFADRPELALAVGLDELVYRESTLVRGLSRMPVTMGP
RSALEHHHHHH
;
_entity_poly.pdbx_strand_id   A
#
loop_
_chem_comp.id
_chem_comp.type
_chem_comp.name
_chem_comp.formula
HEM non-polymer 'PROTOPORPHYRIN IX CONTAINING FE' 'C34 H32 Fe N4 O4'
PG0 non-polymer 2-(2-METHOXYETHOXY)ETHANOL 'C5 H12 O3'
#
# COMPACT_ATOMS: atom_id res chain seq x y z
N GLU A 9 23.89 9.70 -17.87
CA GLU A 9 24.65 8.60 -17.18
C GLU A 9 23.75 7.57 -16.51
N GLN A 10 24.12 6.29 -16.67
CA GLN A 10 23.28 5.14 -16.32
C GLN A 10 23.02 4.96 -14.81
N HIS A 11 21.86 5.41 -14.35
CA HIS A 11 21.37 5.15 -12.99
C HIS A 11 21.03 3.67 -12.77
N ASP A 12 21.46 3.14 -11.62
CA ASP A 12 21.13 1.77 -11.20
C ASP A 12 19.63 1.64 -11.15
N LEU A 13 19.13 0.47 -11.51
CA LEU A 13 17.68 0.26 -11.45
C LEU A 13 17.43 -0.97 -10.60
N PHE A 14 16.67 -0.79 -9.53
CA PHE A 14 16.34 -1.92 -8.61
C PHE A 14 17.54 -2.68 -8.03
N SER A 15 18.60 -1.91 -7.78
CA SER A 15 19.91 -2.41 -7.34
C SER A 15 20.77 -1.20 -7.01
N GLY A 16 21.88 -1.42 -6.33
CA GLY A 16 22.84 -0.37 -5.96
C GLY A 16 22.17 0.88 -5.40
N THR A 17 22.38 2.01 -6.08
CA THR A 17 21.96 3.34 -5.57
C THR A 17 20.45 3.58 -5.62
N PHE A 18 19.76 2.81 -6.46
CA PHE A 18 18.30 2.96 -6.62
C PHE A 18 17.55 2.95 -5.28
N TRP A 19 17.89 1.97 -4.43
CA TRP A 19 17.07 1.69 -3.24
C TRP A 19 17.02 2.86 -2.29
N GLN A 20 18.14 3.54 -2.11
CA GLN A 20 18.16 4.68 -1.18
C GLN A 20 17.39 5.89 -1.75
N ASN A 21 17.53 6.13 -3.05
CA ASN A 21 16.80 7.22 -3.70
C ASN A 21 16.55 6.93 -5.18
N PRO A 22 15.36 6.43 -5.52
CA PRO A 22 15.05 5.99 -6.88
C PRO A 22 14.62 7.14 -7.80
N HIS A 23 14.36 8.32 -7.23
CA HIS A 23 13.69 9.40 -7.96
C HIS A 23 14.50 9.94 -9.16
N PRO A 24 15.82 10.09 -9.02
CA PRO A 24 16.56 10.45 -10.23
C PRO A 24 16.57 9.38 -11.35
N ALA A 25 16.68 8.09 -10.99
CA ALA A 25 16.46 6.99 -11.94
C ALA A 25 15.11 7.12 -12.64
N TYR A 26 14.03 7.32 -11.87
CA TYR A 26 12.67 7.53 -12.43
C TYR A 26 12.61 8.73 -13.40
N ALA A 27 13.24 9.83 -13.00
CA ALA A 27 13.22 11.05 -13.84
C ALA A 27 13.94 10.85 -15.19
N ALA A 28 15.08 10.14 -15.18
CA ALA A 28 15.83 9.79 -16.39
C ALA A 28 15.05 8.82 -17.29
N LEU A 29 14.39 7.82 -16.70
CA LEU A 29 13.45 6.94 -17.42
C LEU A 29 12.32 7.71 -18.11
N ARG A 30 11.57 8.53 -17.36
CA ARG A 30 10.49 9.34 -17.96
C ARG A 30 10.98 10.16 -19.15
N ALA A 31 12.18 10.72 -19.03
CA ALA A 31 12.75 11.59 -20.05
C ALA A 31 13.28 10.82 -21.27
N GLU A 32 14.01 9.73 -21.04
CA GLU A 32 14.76 9.06 -22.12
C GLU A 32 14.40 7.60 -22.40
N ASP A 33 13.73 6.92 -21.45
CA ASP A 33 13.45 5.49 -21.56
C ASP A 33 12.11 5.14 -20.91
N PRO A 34 10.98 5.67 -21.45
CA PRO A 34 9.72 5.64 -20.66
C PRO A 34 9.04 4.27 -20.58
N VAL A 35 9.46 3.33 -21.43
CA VAL A 35 8.92 1.96 -21.46
C VAL A 35 10.14 1.08 -21.55
N ARG A 36 10.50 0.48 -20.43
CA ARG A 36 11.85 -0.06 -20.28
C ARG A 36 11.76 -1.48 -19.77
N LYS A 37 12.41 -2.43 -20.48
CA LYS A 37 12.49 -3.78 -19.97
C LYS A 37 13.64 -3.81 -18.95
N LEU A 38 13.34 -4.30 -17.76
CA LEU A 38 14.37 -4.48 -16.74
C LEU A 38 14.43 -5.91 -16.22
N ALA A 39 15.64 -6.39 -15.97
CA ALA A 39 15.84 -7.74 -15.49
C ALA A 39 15.66 -7.70 -13.97
N LEU A 40 14.66 -8.41 -13.49
CA LEU A 40 14.43 -8.57 -12.05
C LEU A 40 14.68 -10.01 -11.65
N PRO A 41 14.75 -10.31 -10.33
CA PRO A 41 15.23 -11.66 -9.96
C PRO A 41 14.37 -12.85 -10.47
N ASP A 42 13.05 -12.75 -10.29
CA ASP A 42 12.11 -13.83 -10.71
C ASP A 42 11.71 -13.74 -12.19
N GLY A 43 11.77 -12.54 -12.78
CA GLY A 43 11.43 -12.39 -14.19
C GLY A 43 11.68 -10.99 -14.73
N PRO A 44 11.93 -10.89 -16.04
CA PRO A 44 11.99 -9.54 -16.62
C PRO A 44 10.61 -8.88 -16.62
N VAL A 45 10.60 -7.56 -16.42
CA VAL A 45 9.36 -6.78 -16.42
C VAL A 45 9.56 -5.51 -17.21
N TRP A 46 8.48 -5.01 -17.78
CA TRP A 46 8.45 -3.74 -18.46
C TRP A 46 7.98 -2.67 -17.48
N LEU A 47 8.65 -1.53 -17.46
CA LEU A 47 8.32 -0.47 -16.51
C LEU A 47 7.87 0.74 -17.31
N LEU A 48 6.65 1.21 -17.01
CA LEU A 48 6.12 2.42 -17.62
C LEU A 48 6.25 3.50 -16.56
N THR A 49 6.88 4.61 -16.93
CA THR A 49 7.14 5.65 -15.94
C THR A 49 6.43 6.97 -16.21
N ARG A 50 5.90 7.18 -17.43
CA ARG A 50 5.17 8.45 -17.64
C ARG A 50 3.74 8.40 -17.13
N TYR A 51 3.29 9.52 -16.55
CA TYR A 51 1.93 9.65 -16.02
C TYR A 51 0.83 9.27 -17.01
N ALA A 52 0.86 9.86 -18.21
CA ALA A 52 -0.20 9.59 -19.20
C ALA A 52 -0.24 8.10 -19.58
N ASP A 53 0.93 7.48 -19.73
CA ASP A 53 1.03 6.05 -20.04
C ASP A 53 0.51 5.20 -18.87
N VAL A 54 0.93 5.51 -17.64
CA VAL A 54 0.49 4.75 -16.46
C VAL A 54 -1.03 4.82 -16.34
N ARG A 55 -1.57 6.02 -16.47
CA ARG A 55 -3.02 6.23 -16.38
C ARG A 55 -3.77 5.49 -17.45
N GLU A 56 -3.27 5.56 -18.69
CA GLU A 56 -3.86 4.80 -19.80
C GLU A 56 -3.78 3.29 -19.50
N ALA A 57 -2.62 2.84 -19.05
CA ALA A 57 -2.37 1.41 -18.78
C ALA A 57 -3.36 0.81 -17.79
N PHE A 58 -3.72 1.59 -16.76
CA PHE A 58 -4.66 1.17 -15.71
C PHE A 58 -6.06 0.82 -16.25
N VAL A 59 -6.43 1.44 -17.37
CA VAL A 59 -7.73 1.22 -18.03
C VAL A 59 -7.59 0.51 -19.36
N ASP A 60 -6.41 -0.03 -19.63
CA ASP A 60 -6.19 -0.77 -20.87
C ASP A 60 -6.69 -2.22 -20.68
N PRO A 61 -7.72 -2.66 -21.44
CA PRO A 61 -8.22 -4.03 -21.22
C PRO A 61 -7.27 -5.14 -21.73
N ARG A 62 -6.25 -4.79 -22.52
CA ARG A 62 -5.21 -5.73 -22.96
C ARG A 62 -4.19 -6.05 -21.84
N LEU A 63 -4.24 -5.28 -20.75
CA LEU A 63 -3.35 -5.49 -19.59
C LEU A 63 -4.14 -6.14 -18.47
N SER A 64 -3.88 -7.42 -18.27
CA SER A 64 -4.71 -8.27 -17.43
C SER A 64 -4.01 -8.57 -16.10
N LYS A 65 -4.80 -8.96 -15.10
CA LYS A 65 -4.26 -9.42 -13.82
C LYS A 65 -4.00 -10.93 -13.79
N ASP A 66 -4.33 -11.59 -14.90
CA ASP A 66 -4.28 -13.04 -15.04
C ASP A 66 -2.92 -13.52 -15.59
N TRP A 67 -2.15 -14.17 -14.72
CA TRP A 67 -0.80 -14.68 -15.02
C TRP A 67 -0.72 -15.69 -16.18
N ARG A 68 -1.85 -16.31 -16.50
CA ARG A 68 -1.92 -17.36 -17.53
C ARG A 68 -1.69 -16.82 -18.94
N HIS A 69 -1.68 -15.49 -19.09
CA HIS A 69 -1.33 -14.87 -20.35
C HIS A 69 0.17 -15.06 -20.67
N THR A 70 0.99 -15.38 -19.64
CA THR A 70 2.40 -15.76 -19.83
C THR A 70 2.57 -17.16 -20.46
N LEU A 71 1.46 -17.87 -20.61
CA LEU A 71 1.43 -19.19 -21.21
C LEU A 71 0.84 -19.16 -22.62
N PRO A 72 1.35 -20.00 -23.54
CA PRO A 72 0.70 -20.07 -24.84
C PRO A 72 -0.72 -20.63 -24.70
N GLU A 73 -1.61 -20.23 -25.62
CA GLU A 73 -3.03 -20.60 -25.56
C GLU A 73 -3.34 -22.09 -25.31
N ASP A 74 -2.63 -22.99 -26.01
CA ASP A 74 -2.87 -24.44 -25.87
C ASP A 74 -2.37 -25.03 -24.52
N GLN A 75 -1.70 -24.21 -23.73
CA GLN A 75 -1.11 -24.66 -22.47
C GLN A 75 -1.91 -24.18 -21.24
N ARG A 76 -2.95 -23.35 -21.48
CA ARG A 76 -3.89 -22.90 -20.44
C ARG A 76 -4.94 -23.99 -20.10
N ALA A 77 -5.03 -25.02 -20.93
CA ALA A 77 -5.93 -26.18 -20.76
C ALA A 77 -5.75 -26.96 -19.44
N ASP A 78 -4.85 -26.49 -18.57
CA ASP A 78 -4.63 -27.04 -17.23
C ASP A 78 -4.92 -26.03 -16.12
N MET A 79 -4.38 -24.81 -16.27
CA MET A 79 -4.19 -23.88 -15.15
C MET A 79 -5.44 -23.11 -14.71
N PRO A 80 -5.64 -22.98 -13.37
CA PRO A 80 -6.64 -22.06 -12.79
C PRO A 80 -6.34 -20.59 -13.05
N ALA A 81 -7.39 -19.77 -13.10
CA ALA A 81 -7.29 -18.32 -13.28
C ALA A 81 -6.45 -17.63 -12.20
N THR A 82 -6.60 -18.11 -10.96
CA THR A 82 -6.04 -17.46 -9.78
C THR A 82 -5.42 -18.50 -8.80
N PRO A 83 -4.25 -18.17 -8.18
CA PRO A 83 -3.64 -19.07 -7.17
C PRO A 83 -4.49 -19.14 -5.89
N THR A 84 -4.96 -17.97 -5.47
CA THR A 84 -5.91 -17.78 -4.35
C THR A 84 -7.11 -16.96 -4.87
N PRO A 85 -8.36 -17.26 -4.41
CA PRO A 85 -9.51 -16.53 -4.95
C PRO A 85 -9.52 -14.98 -4.74
N MET A 86 -8.36 -14.34 -4.88
CA MET A 86 -8.19 -12.93 -4.52
C MET A 86 -8.51 -11.96 -5.64
N MET A 87 -9.41 -11.05 -5.31
CA MET A 87 -10.00 -10.08 -6.23
C MET A 87 -8.98 -9.26 -7.02
N ILE A 88 -7.89 -8.89 -6.36
CA ILE A 88 -6.84 -8.11 -6.98
C ILE A 88 -6.15 -8.87 -8.14
N LEU A 89 -6.28 -10.20 -8.14
CA LEU A 89 -5.66 -11.05 -9.18
C LEU A 89 -6.60 -11.42 -10.33
N MET A 90 -7.80 -10.84 -10.32
CA MET A 90 -8.85 -11.14 -11.29
C MET A 90 -9.12 -9.99 -12.23
N ASP A 91 -9.54 -10.34 -13.44
CA ASP A 91 -10.15 -9.43 -14.41
C ASP A 91 -11.70 -9.51 -14.30
N PRO A 92 -12.43 -8.54 -14.91
CA PRO A 92 -13.89 -8.75 -15.11
C PRO A 92 -14.15 -9.97 -16.01
N PRO A 93 -15.26 -10.70 -15.87
CA PRO A 93 -16.39 -10.38 -14.98
C PRO A 93 -16.24 -10.85 -13.54
N ASP A 94 -15.27 -11.71 -13.29
CA ASP A 94 -15.07 -12.29 -11.94
C ASP A 94 -14.70 -11.22 -10.90
N HIS A 95 -13.80 -10.30 -11.29
CA HIS A 95 -13.46 -9.16 -10.42
C HIS A 95 -14.70 -8.32 -10.04
N THR A 96 -15.57 -8.09 -11.02
CA THR A 96 -16.71 -7.18 -10.91
C THR A 96 -17.66 -7.67 -9.85
N ARG A 97 -17.91 -8.97 -9.85
CA ARG A 97 -18.72 -9.57 -8.83
C ARG A 97 -18.11 -9.42 -7.42
N LEU A 98 -16.84 -9.81 -7.25
CA LEU A 98 -16.22 -9.76 -5.93
C LEU A 98 -16.12 -8.31 -5.41
N ARG A 99 -15.86 -7.37 -6.30
CA ARG A 99 -15.77 -5.93 -5.96
C ARG A 99 -17.13 -5.41 -5.47
N LYS A 100 -18.19 -5.80 -6.21
CA LYS A 100 -19.57 -5.48 -5.87
C LYS A 100 -19.93 -6.00 -4.49
N LEU A 101 -19.55 -7.26 -4.20
CA LEU A 101 -19.89 -7.86 -2.94
C LEU A 101 -19.13 -7.24 -1.75
N VAL A 102 -17.82 -7.04 -1.88
CA VAL A 102 -17.08 -6.44 -0.76
C VAL A 102 -17.48 -4.95 -0.51
N GLY A 103 -17.84 -4.25 -1.59
CA GLY A 103 -18.30 -2.87 -1.54
C GLY A 103 -19.62 -2.66 -0.81
N ARG A 104 -20.40 -3.72 -0.63
CA ARG A 104 -21.59 -3.62 0.23
C ARG A 104 -21.21 -3.37 1.68
N SER A 105 -20.03 -3.87 2.06
CA SER A 105 -19.57 -3.89 3.46
C SER A 105 -18.61 -2.73 3.82
N VAL A 106 -17.68 -2.45 2.92
CA VAL A 106 -16.64 -1.43 3.13
C VAL A 106 -17.25 -0.06 2.83
N THR A 107 -17.92 0.49 3.84
CA THR A 107 -18.74 1.70 3.72
C THR A 107 -18.03 2.93 4.27
N VAL A 108 -18.46 4.12 3.80
CA VAL A 108 -17.95 5.40 4.29
C VAL A 108 -18.03 5.48 5.81
N ARG A 109 -19.21 5.23 6.37
CA ARG A 109 -19.42 5.32 7.81
C ARG A 109 -18.59 4.31 8.61
N ARG A 110 -18.44 3.11 8.07
CA ARG A 110 -17.65 2.06 8.74
C ARG A 110 -16.19 2.50 8.89
N MET A 111 -15.65 3.09 7.82
CA MET A 111 -14.27 3.59 7.83
C MET A 111 -14.09 4.70 8.87
N ASN A 112 -15.03 5.65 8.90
CA ASN A 112 -15.03 6.72 9.91
C ASN A 112 -15.23 6.29 11.35
N GLU A 113 -16.08 5.29 11.59
CA GLU A 113 -16.30 4.76 12.96
C GLU A 113 -14.99 4.33 13.61
N LEU A 114 -14.03 3.98 12.77
CA LEU A 114 -12.69 3.57 13.21
C LEU A 114 -11.81 4.71 13.71
N GLU A 115 -12.10 5.95 13.32
CA GLU A 115 -11.25 7.11 13.67
C GLU A 115 -10.91 7.27 15.19
N PRO A 116 -11.91 7.17 16.09
CA PRO A 116 -11.54 7.26 17.53
C PRO A 116 -10.57 6.16 17.97
N ARG A 117 -10.78 4.95 17.48
CA ARG A 117 -9.87 3.85 17.77
C ARG A 117 -8.47 3.96 17.15
N ILE A 118 -8.37 4.47 15.92
CA ILE A 118 -7.06 4.77 15.31
C ILE A 118 -6.28 5.78 16.18
N THR A 119 -6.98 6.84 16.62
CA THR A 119 -6.43 7.86 17.51
C THR A 119 -5.91 7.23 18.83
N GLU A 120 -6.75 6.39 19.46
CA GLU A 120 -6.40 5.58 20.62
C GLU A 120 -5.16 4.73 20.44
N ILE A 121 -5.10 3.98 19.34
CA ILE A 121 -3.95 3.14 19.03
C ILE A 121 -2.69 4.00 18.93
N ALA A 122 -2.78 5.11 18.20
CA ALA A 122 -1.65 6.02 17.94
C ALA A 122 -1.17 6.70 19.23
N ASP A 123 -2.12 7.25 20.01
CA ASP A 123 -1.83 7.86 21.31
C ASP A 123 -1.15 6.90 22.30
N GLY A 124 -1.68 5.67 22.41
CA GLY A 124 -1.07 4.62 23.25
C GLY A 124 0.37 4.30 22.88
N LEU A 125 0.66 4.20 21.57
CA LEU A 125 2.02 3.97 21.10
C LEU A 125 2.97 5.14 21.41
N LEU A 126 2.52 6.35 21.11
CA LEU A 126 3.24 7.60 21.39
C LEU A 126 3.58 7.76 22.89
N ALA A 127 2.71 7.27 23.76
CA ALA A 127 2.84 7.46 25.21
C ALA A 127 3.95 6.60 25.82
N GLY A 128 4.22 5.47 25.14
CA GLY A 128 5.19 4.48 25.61
C GLY A 128 6.54 4.70 25.00
N LEU A 129 6.66 5.75 24.17
CA LEU A 129 7.95 6.04 23.50
C LEU A 129 8.83 7.01 24.31
N PRO A 130 10.14 6.73 24.40
CA PRO A 130 10.98 7.61 25.23
C PRO A 130 11.39 8.89 24.47
N THR A 131 11.63 9.96 25.24
CA THR A 131 12.08 11.28 24.76
C THR A 131 13.47 11.27 24.12
N ASP A 132 14.40 10.56 24.76
CA ASP A 132 15.78 10.48 24.28
C ASP A 132 16.05 9.16 23.59
N GLY A 133 16.76 9.24 22.48
CA GLY A 133 16.84 8.12 21.55
C GLY A 133 17.73 6.97 22.00
N PRO A 134 17.98 6.04 21.09
CA PRO A 134 17.35 6.12 19.78
C PRO A 134 16.14 5.21 19.74
N VAL A 135 15.11 5.64 18.98
CA VAL A 135 13.96 4.79 18.72
C VAL A 135 13.86 4.58 17.20
N ASP A 136 13.45 3.38 16.83
CA ASP A 136 13.18 3.04 15.44
C ASP A 136 11.73 3.36 15.24
N LEU A 137 11.46 4.45 14.55
CA LEU A 137 10.05 4.85 14.40
C LEU A 137 9.25 3.85 13.55
N MET A 138 9.91 3.10 12.68
CA MET A 138 9.22 2.02 11.95
C MET A 138 8.71 0.90 12.89
N ARG A 139 9.62 0.14 13.50
CA ARG A 139 9.21 -1.01 14.34
C ARG A 139 8.28 -0.60 15.48
N GLU A 140 8.52 0.61 16.00
CA GLU A 140 7.87 1.09 17.21
C GLU A 140 6.60 1.89 17.07
N TYR A 141 6.36 2.42 15.88
CA TYR A 141 5.19 3.24 15.61
C TYR A 141 4.51 2.79 14.30
N ALA A 142 5.22 3.02 13.18
CA ALA A 142 4.68 2.79 11.84
C ALA A 142 4.21 1.35 11.59
N PHE A 143 5.01 0.37 12.04
CA PHE A 143 4.71 -1.07 11.89
C PHE A 143 3.49 -1.48 12.67
N GLN A 144 3.29 -0.86 13.83
CA GLN A 144 2.26 -1.27 14.77
C GLN A 144 0.86 -0.85 14.36
N ILE A 145 0.72 0.40 13.92
CA ILE A 145 -0.61 1.02 13.71
C ILE A 145 -1.54 0.25 12.73
N PRO A 146 -1.06 -0.04 11.51
CA PRO A 146 -1.99 -0.54 10.50
C PRO A 146 -2.61 -1.91 10.78
N VAL A 147 -1.88 -2.82 11.43
CA VAL A 147 -2.43 -4.15 11.75
C VAL A 147 -3.42 -4.10 12.92
N GLN A 148 -3.12 -3.25 13.91
CA GLN A 148 -4.07 -2.99 15.01
C GLN A 148 -5.36 -2.38 14.47
N VAL A 149 -5.22 -1.49 13.49
CA VAL A 149 -6.38 -0.94 12.76
C VAL A 149 -7.15 -2.03 11.98
N ILE A 150 -6.43 -2.89 11.25
CA ILE A 150 -7.09 -3.99 10.52
C ILE A 150 -7.83 -4.92 11.49
N CYS A 151 -7.21 -5.22 12.63
CA CYS A 151 -7.83 -5.96 13.72
C CYS A 151 -9.17 -5.36 14.20
N GLU A 152 -9.21 -4.03 14.35
CA GLU A 152 -10.43 -3.31 14.72
C GLU A 152 -11.46 -3.42 13.60
N LEU A 153 -11.02 -3.15 12.37
CA LEU A 153 -11.89 -3.22 11.18
C LEU A 153 -12.62 -4.58 11.14
N LEU A 154 -11.84 -5.69 11.27
CA LEU A 154 -12.33 -7.02 10.98
C LEU A 154 -13.12 -7.60 12.13
N GLY A 155 -12.74 -7.24 13.36
CA GLY A 155 -13.38 -7.75 14.56
C GLY A 155 -12.60 -8.93 15.08
N VAL A 156 -11.27 -8.82 15.05
CA VAL A 156 -10.39 -9.81 15.66
C VAL A 156 -10.52 -9.60 17.17
N PRO A 157 -10.90 -10.66 17.92
CA PRO A 157 -11.02 -10.53 19.38
C PRO A 157 -9.73 -10.01 20.03
N ALA A 158 -9.89 -9.15 21.05
CA ALA A 158 -8.76 -8.46 21.70
C ALA A 158 -7.68 -9.41 22.23
N GLU A 159 -8.11 -10.57 22.72
CA GLU A 159 -7.20 -11.63 23.20
C GLU A 159 -6.25 -12.07 22.07
N ASP A 160 -6.74 -12.04 20.84
CA ASP A 160 -5.99 -12.54 19.69
C ASP A 160 -5.10 -11.51 19.00
N ARG A 161 -5.22 -10.23 19.36
CA ARG A 161 -4.54 -9.11 18.66
C ARG A 161 -3.03 -9.30 18.57
N ASP A 162 -2.40 -9.35 19.74
CA ASP A 162 -0.96 -9.62 19.89
C ASP A 162 -0.45 -10.82 19.06
N ASP A 163 -1.16 -11.95 19.14
CA ASP A 163 -0.91 -13.13 18.28
C ASP A 163 -1.05 -12.84 16.77
N PHE A 164 -2.12 -12.15 16.41
CA PHE A 164 -2.44 -11.77 15.01
C PHE A 164 -1.42 -10.77 14.48
N SER A 165 -1.01 -9.85 15.34
CA SER A 165 0.06 -8.88 15.08
C SER A 165 1.39 -9.59 14.81
N ALA A 166 1.72 -10.56 15.66
CA ALA A 166 2.93 -11.36 15.51
C ALA A 166 2.97 -12.05 14.14
N TRP A 167 1.87 -12.72 13.78
CA TRP A 167 1.80 -13.48 12.53
C TRP A 167 1.83 -12.63 11.25
N SER A 168 1.16 -11.47 11.28
CA SER A 168 1.11 -10.59 10.11
C SER A 168 2.38 -9.75 9.91
N SER A 169 3.04 -9.36 11.01
CA SER A 169 4.31 -8.63 10.96
C SER A 169 5.46 -9.51 10.46
N VAL A 170 5.24 -10.83 10.49
CA VAL A 170 6.10 -11.79 9.80
C VAL A 170 6.05 -11.56 8.28
N LEU A 171 4.83 -11.37 7.74
CA LEU A 171 4.63 -11.10 6.30
C LEU A 171 5.41 -9.89 5.79
N VAL A 172 5.49 -8.85 6.63
CA VAL A 172 6.34 -7.67 6.37
C VAL A 172 7.81 -8.11 6.55
N ASP A 173 8.37 -8.61 5.43
CA ASP A 173 9.74 -9.21 5.28
C ASP A 173 10.75 -9.16 6.43
N ASP A 174 11.02 -10.34 6.99
CA ASP A 174 12.07 -10.54 8.00
C ASP A 174 12.95 -11.74 7.60
N SER A 175 12.35 -12.93 7.58
CA SER A 175 13.01 -14.16 7.13
C SER A 175 12.30 -14.69 5.86
N PRO A 176 12.93 -15.65 5.10
CA PRO A 176 12.38 -16.13 3.81
C PRO A 176 10.91 -16.63 3.81
N ALA A 177 10.34 -16.77 2.61
CA ALA A 177 8.94 -17.22 2.40
C ALA A 177 8.72 -18.73 2.58
N ASP A 178 9.25 -19.26 3.68
CA ASP A 178 9.08 -20.66 4.09
C ASP A 178 8.15 -20.70 5.32
N ASP A 179 8.52 -19.90 6.33
CA ASP A 179 7.70 -19.65 7.53
C ASP A 179 6.62 -18.57 7.31
N LYS A 180 6.80 -17.77 6.26
CA LYS A 180 5.77 -16.85 5.75
C LYS A 180 4.68 -17.63 5.04
N ASN A 181 5.10 -18.63 4.26
CA ASN A 181 4.21 -19.60 3.61
C ASN A 181 3.33 -20.33 4.63
N ALA A 182 3.89 -20.52 5.83
CA ALA A 182 3.20 -21.08 6.98
C ALA A 182 2.46 -20.02 7.81
N ALA A 183 2.95 -18.77 7.81
CA ALA A 183 2.24 -17.64 8.46
C ALA A 183 0.92 -17.36 7.76
N MET A 184 0.94 -17.36 6.43
CA MET A 184 -0.24 -17.30 5.57
C MET A 184 -1.26 -18.39 5.92
N GLY A 185 -0.75 -19.62 6.07
CA GLY A 185 -1.53 -20.79 6.44
C GLY A 185 -2.18 -20.69 7.81
N LYS A 186 -1.45 -20.12 8.78
CA LYS A 186 -2.00 -19.93 10.13
C LYS A 186 -3.05 -18.81 10.12
N LEU A 187 -2.72 -17.69 9.48
CA LEU A 187 -3.68 -16.60 9.30
C LEU A 187 -4.96 -17.11 8.62
N HIS A 188 -4.79 -17.88 7.53
CA HIS A 188 -5.91 -18.48 6.78
C HIS A 188 -6.80 -19.34 7.69
N GLY A 189 -6.20 -20.32 8.38
CA GLY A 189 -6.91 -21.14 9.35
C GLY A 189 -7.62 -20.34 10.44
N TYR A 190 -6.90 -19.37 11.01
CA TYR A 190 -7.45 -18.51 12.08
C TYR A 190 -8.71 -17.76 11.62
N LEU A 191 -8.60 -17.04 10.50
CA LEU A 191 -9.71 -16.27 9.94
C LEU A 191 -10.89 -17.13 9.56
N SER A 192 -10.62 -18.29 8.94
CA SER A 192 -11.64 -19.27 8.57
C SER A 192 -12.46 -19.73 9.77
N ASP A 193 -11.76 -19.96 10.89
CA ASP A 193 -12.35 -20.27 12.19
C ASP A 193 -13.14 -19.10 12.75
N LEU A 194 -12.61 -17.88 12.59
CA LEU A 194 -13.29 -16.69 13.08
C LEU A 194 -14.62 -16.47 12.36
N LEU A 195 -14.62 -16.62 11.01
CA LEU A 195 -15.81 -16.43 10.14
C LEU A 195 -16.93 -17.38 10.54
N GLU A 196 -16.52 -18.56 10.97
CA GLU A 196 -17.38 -19.56 11.58
C GLU A 196 -18.07 -19.01 12.82
N ARG A 197 -17.29 -18.42 13.71
CA ARG A 197 -17.81 -17.89 14.99
C ARG A 197 -18.74 -16.70 14.78
N LYS A 198 -18.39 -15.85 13.80
CA LYS A 198 -19.13 -14.63 13.49
C LYS A 198 -20.53 -14.92 12.92
N ARG A 199 -20.65 -16.02 12.19
CA ARG A 199 -21.95 -16.44 11.63
C ARG A 199 -23.00 -16.64 12.73
N THR A 200 -22.60 -17.22 13.86
CA THR A 200 -23.56 -17.50 14.94
C THR A 200 -23.60 -16.36 15.98
N GLU A 201 -22.50 -15.60 16.07
CA GLU A 201 -22.43 -14.45 16.96
C GLU A 201 -22.10 -13.20 16.14
N PRO A 202 -23.12 -12.57 15.50
CA PRO A 202 -22.85 -11.41 14.64
C PRO A 202 -22.42 -10.18 15.44
N ASP A 203 -21.54 -9.37 14.86
CA ASP A 203 -21.22 -8.09 15.47
C ASP A 203 -21.22 -6.97 14.42
N ASP A 204 -20.79 -5.78 14.84
CA ASP A 204 -20.81 -4.59 14.02
C ASP A 204 -19.62 -4.47 13.04
N ALA A 205 -18.67 -5.42 13.11
CA ALA A 205 -17.38 -5.36 12.35
C ALA A 205 -17.39 -6.04 10.95
N LEU A 206 -16.25 -5.98 10.25
CA LEU A 206 -16.27 -6.26 8.82
C LEU A 206 -16.50 -7.72 8.44
N LEU A 207 -15.90 -8.63 9.19
CA LEU A 207 -16.02 -10.06 8.86
C LEU A 207 -17.50 -10.52 8.90
N SER A 208 -18.24 -10.16 9.94
CA SER A 208 -19.65 -10.56 10.00
C SER A 208 -20.50 -9.78 8.97
N SER A 209 -20.13 -8.54 8.67
CA SER A 209 -20.79 -7.79 7.60
C SER A 209 -20.63 -8.51 6.27
N LEU A 210 -19.41 -8.98 5.96
CA LEU A 210 -19.14 -9.70 4.69
C LEU A 210 -19.89 -11.02 4.54
N LEU A 211 -20.11 -11.69 5.68
CA LEU A 211 -20.81 -12.98 5.71
C LEU A 211 -22.26 -12.90 5.26
N ALA A 212 -22.85 -11.71 5.39
CA ALA A 212 -24.29 -11.58 5.25
C ALA A 212 -24.60 -10.86 3.97
N VAL A 213 -23.56 -10.36 3.34
CA VAL A 213 -23.67 -9.73 2.03
C VAL A 213 -24.44 -10.70 1.12
N SER A 214 -25.57 -10.21 0.60
CA SER A 214 -26.48 -10.99 -0.22
C SER A 214 -27.13 -10.04 -1.20
N ASP A 215 -26.64 -10.01 -2.43
CA ASP A 215 -27.14 -9.11 -3.46
C ASP A 215 -28.59 -9.40 -3.93
N GLU A 216 -29.03 -8.64 -4.94
CA GLU A 216 -30.41 -8.72 -5.47
C GLU A 216 -30.83 -10.09 -6.04
N ASP A 217 -29.85 -10.92 -6.38
CA ASP A 217 -30.07 -12.28 -6.93
C ASP A 217 -29.86 -13.41 -5.89
N GLY A 218 -29.49 -13.04 -4.66
CA GLY A 218 -29.11 -14.03 -3.65
C GLY A 218 -27.63 -14.43 -3.63
N ASP A 219 -26.83 -13.82 -4.51
CA ASP A 219 -25.38 -14.04 -4.56
C ASP A 219 -24.72 -13.62 -3.25
N ARG A 220 -23.61 -14.27 -2.91
CA ARG A 220 -22.93 -14.07 -1.64
C ARG A 220 -21.50 -14.56 -1.76
N LEU A 221 -20.66 -14.18 -0.80
CA LEU A 221 -19.29 -14.67 -0.74
C LEU A 221 -19.27 -16.09 -0.17
N SER A 222 -18.63 -17.00 -0.90
CA SER A 222 -18.39 -18.38 -0.39
C SER A 222 -17.38 -18.33 0.75
N GLN A 223 -17.29 -19.43 1.50
CA GLN A 223 -16.40 -19.54 2.64
C GLN A 223 -14.98 -19.23 2.23
N GLU A 224 -14.53 -19.88 1.15
CA GLU A 224 -13.24 -19.60 0.49
C GLU A 224 -13.09 -18.14 0.03
N GLU A 225 -14.14 -17.57 -0.54
CA GLU A 225 -14.05 -16.17 -1.00
C GLU A 225 -13.85 -15.21 0.18
N LEU A 226 -14.59 -15.46 1.26
CA LEU A 226 -14.51 -14.68 2.50
C LEU A 226 -13.10 -14.66 3.07
N VAL A 227 -12.50 -15.84 3.16
CA VAL A 227 -11.16 -16.00 3.73
C VAL A 227 -10.13 -15.31 2.86
N ALA A 228 -10.17 -15.53 1.54
CA ALA A 228 -9.28 -14.81 0.62
C ALA A 228 -9.46 -13.28 0.68
N MET A 229 -10.71 -12.81 0.82
CA MET A 229 -10.98 -11.36 0.99
C MET A 229 -10.36 -10.81 2.29
N ALA A 230 -10.55 -11.53 3.39
CA ALA A 230 -9.97 -11.18 4.67
C ALA A 230 -8.44 -11.07 4.63
N MET A 231 -7.79 -12.07 4.01
CA MET A 231 -6.35 -12.10 3.81
C MET A 231 -5.90 -10.98 2.89
N LEU A 232 -6.67 -10.72 1.84
CA LEU A 232 -6.38 -9.59 0.96
C LEU A 232 -6.35 -8.25 1.68
N LEU A 233 -7.35 -8.00 2.51
CA LEU A 233 -7.48 -6.74 3.23
C LEU A 233 -6.29 -6.53 4.15
N LEU A 234 -5.88 -7.60 4.82
CA LEU A 234 -4.70 -7.59 5.69
C LEU A 234 -3.45 -7.27 4.89
N ILE A 235 -3.23 -8.01 3.80
CA ILE A 235 -2.01 -7.88 3.04
C ILE A 235 -1.99 -6.51 2.34
N ALA A 236 -3.10 -6.13 1.71
CA ALA A 236 -3.22 -4.84 1.00
C ALA A 236 -3.13 -3.65 1.96
N GLY A 237 -3.60 -3.82 3.19
CA GLY A 237 -3.69 -2.75 4.13
C GLY A 237 -2.59 -2.52 5.15
N HIS A 238 -1.66 -3.46 5.27
CA HIS A 238 -0.65 -3.37 6.32
C HIS A 238 0.60 -2.60 5.84
N GLU A 239 1.41 -3.23 4.99
CA GLU A 239 2.71 -2.69 4.61
C GLU A 239 2.59 -1.34 3.89
N THR A 240 1.56 -1.22 3.07
CA THR A 240 1.27 -0.02 2.33
C THR A 240 1.12 1.18 3.28
N THR A 241 0.25 1.04 4.28
CA THR A 241 -0.03 2.09 5.26
C THR A 241 1.19 2.38 6.13
N VAL A 242 1.91 1.32 6.51
CA VAL A 242 3.16 1.45 7.25
C VAL A 242 4.09 2.46 6.54
N ASN A 243 4.25 2.28 5.23
CA ASN A 243 5.16 3.13 4.46
C ASN A 243 4.65 4.50 4.12
N LEU A 244 3.32 4.64 4.06
CA LEU A 244 2.71 5.97 4.04
C LEU A 244 3.16 6.73 5.28
N ILE A 245 3.04 6.10 6.45
CA ILE A 245 3.42 6.73 7.73
C ILE A 245 4.93 7.10 7.69
N GLY A 246 5.77 6.12 7.36
CA GLY A 246 7.24 6.29 7.36
C GLY A 246 7.70 7.34 6.36
N ASN A 247 7.25 7.22 5.11
CA ASN A 247 7.58 8.17 4.07
C ASN A 247 7.03 9.58 4.33
N GLY A 248 5.82 9.67 4.86
CA GLY A 248 5.21 10.95 5.19
C GLY A 248 5.94 11.65 6.33
N VAL A 249 6.27 10.88 7.37
CA VAL A 249 7.07 11.40 8.48
C VAL A 249 8.44 11.87 7.96
N LEU A 250 9.10 11.03 7.14
CA LEU A 250 10.39 11.42 6.63
C LEU A 250 10.34 12.72 5.82
N ALA A 251 9.31 12.86 4.97
CA ALA A 251 9.08 14.05 4.15
C ALA A 251 9.03 15.34 4.98
N LEU A 252 8.39 15.29 6.14
CA LEU A 252 8.32 16.42 7.05
C LEU A 252 9.66 16.65 7.78
N LEU A 253 10.32 15.56 8.20
CA LEU A 253 11.64 15.69 8.86
C LEU A 253 12.73 16.25 7.93
N THR A 254 12.56 16.08 6.62
CA THR A 254 13.54 16.53 5.62
C THR A 254 13.19 17.87 4.93
N HIS A 255 12.02 18.41 5.27
CA HIS A 255 11.50 19.69 4.75
C HIS A 255 10.98 20.57 5.92
N PRO A 256 11.90 21.30 6.60
CA PRO A 256 11.50 22.11 7.77
C PRO A 256 10.44 23.17 7.45
N ASP A 257 10.51 23.75 6.25
CA ASP A 257 9.49 24.69 5.74
C ASP A 257 8.06 24.10 5.76
N GLN A 258 7.91 22.89 5.22
CA GLN A 258 6.60 22.25 5.16
C GLN A 258 6.11 21.81 6.53
N ARG A 259 7.02 21.30 7.36
CA ARG A 259 6.71 20.93 8.74
C ARG A 259 6.25 22.17 9.56
N LYS A 260 6.86 23.33 9.30
CA LYS A 260 6.45 24.58 9.93
C LYS A 260 5.00 24.92 9.57
N LEU A 261 4.67 24.79 8.29
CA LEU A 261 3.33 25.08 7.79
C LEU A 261 2.29 24.19 8.48
N LEU A 262 2.57 22.90 8.60
CA LEU A 262 1.69 21.99 9.34
C LEU A 262 1.54 22.36 10.82
N ALA A 263 2.67 22.64 11.47
CA ALA A 263 2.65 23.02 12.86
C ALA A 263 1.73 24.23 13.05
N GLU A 264 1.89 25.26 12.22
CA GLU A 264 1.11 26.50 12.35
C GLU A 264 -0.37 26.30 12.05
N ASP A 265 -0.65 25.37 11.11
CA ASP A 265 -2.01 25.11 10.67
C ASP A 265 -2.24 23.58 10.61
N PRO A 266 -2.63 22.96 11.76
CA PRO A 266 -2.79 21.49 11.79
C PRO A 266 -3.81 20.91 10.82
N SER A 267 -4.77 21.73 10.36
CA SER A 267 -5.83 21.29 9.47
C SER A 267 -5.32 20.95 8.06
N LEU A 268 -4.10 21.37 7.73
CA LEU A 268 -3.42 20.98 6.48
C LEU A 268 -3.08 19.49 6.40
N ILE A 269 -3.30 18.75 7.49
CA ILE A 269 -2.92 17.32 7.52
C ILE A 269 -3.52 16.51 6.35
N SER A 270 -4.82 16.69 6.05
CA SER A 270 -5.42 15.93 4.92
C SER A 270 -4.72 16.23 3.60
N SER A 271 -4.54 17.51 3.33
CA SER A 271 -3.79 17.95 2.15
C SER A 271 -2.35 17.37 2.15
N ALA A 272 -1.70 17.37 3.33
CA ALA A 272 -0.32 16.86 3.49
C ALA A 272 -0.23 15.39 3.12
N VAL A 273 -1.18 14.60 3.63
CA VAL A 273 -1.22 13.16 3.35
C VAL A 273 -1.29 12.83 1.85
N GLU A 274 -2.14 13.54 1.10
CA GLU A 274 -2.18 13.43 -0.37
C GLU A 274 -0.84 13.75 -1.03
N GLU A 275 -0.22 14.81 -0.54
CA GLU A 275 1.09 15.22 -1.03
C GLU A 275 2.21 14.24 -0.68
N PHE A 276 2.17 13.62 0.50
CA PHE A 276 3.16 12.57 0.84
C PHE A 276 2.96 11.34 -0.07
N LEU A 277 1.70 10.99 -0.34
CA LEU A 277 1.38 9.88 -1.27
C LEU A 277 1.92 10.14 -2.68
N ARG A 278 1.83 11.38 -3.10
CA ARG A 278 2.35 11.79 -4.41
C ARG A 278 3.89 11.82 -4.41
N PHE A 279 4.44 12.47 -3.38
CA PHE A 279 5.86 12.84 -3.34
C PHE A 279 6.79 11.65 -3.22
N ASP A 280 6.30 10.60 -2.56
CA ASP A 280 7.14 9.45 -2.24
C ASP A 280 6.20 8.26 -2.04
N SER A 281 5.60 7.85 -3.15
CA SER A 281 4.52 6.85 -3.15
C SER A 281 4.94 5.53 -2.50
N PRO A 282 4.23 5.09 -1.44
CA PRO A 282 4.61 3.86 -0.74
C PRO A 282 4.48 2.59 -1.59
N VAL A 283 3.46 2.50 -2.45
CA VAL A 283 3.40 1.43 -3.45
C VAL A 283 4.06 2.09 -4.66
N SER A 284 5.33 1.79 -4.86
CA SER A 284 6.17 2.49 -5.84
C SER A 284 5.80 2.02 -7.24
N GLN A 285 5.51 0.71 -7.38
CA GLN A 285 4.95 0.21 -8.64
C GLN A 285 3.69 -0.59 -8.37
N ALA A 286 2.71 -0.47 -9.25
CA ALA A 286 1.49 -1.28 -9.14
C ALA A 286 1.84 -2.77 -9.29
N PRO A 287 1.05 -3.66 -8.64
CA PRO A 287 1.19 -5.10 -8.84
C PRO A 287 1.19 -5.43 -10.33
N ILE A 288 1.91 -6.50 -10.72
CA ILE A 288 2.21 -6.78 -12.11
C ILE A 288 0.94 -7.01 -12.92
N ARG A 289 0.93 -6.46 -14.14
CA ARG A 289 -0.05 -6.73 -15.16
C ARG A 289 0.63 -7.57 -16.23
N PHE A 290 -0.17 -8.30 -17.01
CA PHE A 290 0.32 -9.21 -18.03
C PHE A 290 -0.31 -8.81 -19.35
N THR A 291 0.49 -8.77 -20.42
CA THR A 291 -0.04 -8.38 -21.73
C THR A 291 -0.84 -9.57 -22.33
N ALA A 292 -2.14 -9.36 -22.55
CA ALA A 292 -3.01 -10.36 -23.19
C ALA A 292 -2.79 -10.35 -24.69
N GLU A 293 -2.50 -9.17 -25.23
CA GLU A 293 -1.95 -9.02 -26.59
C GLU A 293 -0.88 -7.93 -26.56
N ASP A 294 -0.21 -7.70 -27.72
CA ASP A 294 0.82 -6.65 -27.82
C ASP A 294 0.21 -5.30 -27.51
N VAL A 295 0.95 -4.46 -26.78
CA VAL A 295 0.56 -3.07 -26.57
C VAL A 295 1.71 -2.13 -26.90
N THR A 296 1.36 -0.90 -27.27
CA THR A 296 2.36 0.10 -27.61
C THR A 296 2.18 1.36 -26.76
N TYR A 297 3.20 1.70 -25.99
CA TYR A 297 3.20 2.90 -25.19
C TYR A 297 4.46 3.69 -25.55
N SER A 298 4.31 4.99 -25.82
CA SER A 298 5.43 5.88 -26.16
C SER A 298 6.29 5.31 -27.29
N GLY A 299 5.65 4.74 -28.32
CA GLY A 299 6.36 4.14 -29.46
C GLY A 299 7.05 2.81 -29.18
N VAL A 300 6.89 2.26 -27.98
CA VAL A 300 7.54 1.00 -27.63
C VAL A 300 6.47 -0.11 -27.54
N THR A 301 6.65 -1.17 -28.32
CA THR A 301 5.76 -2.35 -28.26
C THR A 301 6.22 -3.38 -27.24
N ILE A 302 5.33 -3.65 -26.29
CA ILE A 302 5.48 -4.76 -25.38
C ILE A 302 4.70 -5.94 -25.96
N PRO A 303 5.40 -7.06 -26.23
CA PRO A 303 4.74 -8.23 -26.78
C PRO A 303 3.76 -8.87 -25.82
N ALA A 304 2.81 -9.62 -26.38
CA ALA A 304 1.90 -10.49 -25.64
C ALA A 304 2.64 -11.42 -24.66
N GLY A 305 2.06 -11.61 -23.48
CA GLY A 305 2.57 -12.57 -22.52
C GLY A 305 3.65 -12.06 -21.59
N GLU A 306 3.89 -10.75 -21.59
CA GLU A 306 4.97 -10.11 -20.80
C GLU A 306 4.42 -9.53 -19.49
N MET A 307 5.30 -9.25 -18.54
CA MET A 307 4.91 -8.67 -17.28
C MET A 307 5.20 -7.19 -17.34
N VAL A 308 4.24 -6.41 -16.84
CA VAL A 308 4.27 -4.97 -16.96
C VAL A 308 4.02 -4.37 -15.59
N MET A 309 4.91 -3.46 -15.19
CA MET A 309 4.81 -2.74 -13.91
C MET A 309 4.49 -1.27 -14.20
N LEU A 310 3.49 -0.71 -13.53
CA LEU A 310 3.12 0.71 -13.71
C LEU A 310 3.84 1.50 -12.62
N GLY A 311 4.75 2.38 -13.03
CA GLY A 311 5.59 3.11 -12.08
C GLY A 311 4.85 4.28 -11.44
N LEU A 312 4.26 4.04 -10.26
CA LEU A 312 3.41 5.04 -9.63
C LEU A 312 4.24 6.17 -9.04
N ALA A 313 5.33 5.81 -8.38
CA ALA A 313 6.25 6.79 -7.83
C ALA A 313 6.85 7.70 -8.91
N ALA A 314 7.17 7.11 -10.09
CA ALA A 314 7.64 7.89 -11.23
C ALA A 314 6.56 8.80 -11.83
N ALA A 315 5.36 8.25 -12.05
CA ALA A 315 4.24 8.97 -12.70
C ALA A 315 3.83 10.15 -11.79
N ASN A 316 3.86 9.94 -10.48
CA ASN A 316 3.47 11.01 -9.54
C ASN A 316 4.42 12.20 -9.49
N ARG A 317 5.62 12.03 -10.05
CA ARG A 317 6.57 13.14 -10.18
C ARG A 317 6.78 13.57 -11.62
N ASP A 318 5.85 13.21 -12.51
CA ASP A 318 5.94 13.57 -13.93
C ASP A 318 5.54 15.02 -14.09
N ALA A 319 6.46 15.86 -14.58
CA ALA A 319 6.23 17.31 -14.69
C ALA A 319 5.11 17.65 -15.68
N ASP A 320 4.84 16.74 -16.63
CA ASP A 320 3.74 16.89 -17.60
C ASP A 320 2.36 16.74 -16.95
N TRP A 321 2.32 16.18 -15.74
CA TRP A 321 1.10 16.14 -14.94
C TRP A 321 1.15 17.18 -13.80
N MET A 322 2.24 17.22 -13.04
CA MET A 322 2.37 18.13 -11.89
C MET A 322 3.56 19.10 -12.03
N PRO A 323 3.29 20.41 -12.15
CA PRO A 323 4.40 21.38 -12.17
C PRO A 323 5.16 21.38 -10.83
N GLU A 324 6.45 21.66 -10.90
CA GLU A 324 7.39 21.54 -9.75
C GLU A 324 7.21 20.21 -8.99
N PRO A 325 7.27 19.08 -9.73
CA PRO A 325 6.93 17.80 -9.08
C PRO A 325 7.94 17.34 -8.01
N ASP A 326 9.18 17.85 -8.06
CA ASP A 326 10.21 17.49 -7.06
C ASP A 326 10.16 18.34 -5.78
N ARG A 327 9.27 19.33 -5.77
CA ARG A 327 9.07 20.18 -4.61
C ARG A 327 7.98 19.55 -3.73
N LEU A 328 8.23 19.50 -2.43
CA LEU A 328 7.21 19.09 -1.48
C LEU A 328 6.39 20.31 -1.09
N ASP A 329 5.07 20.21 -1.30
CA ASP A 329 4.16 21.34 -1.03
C ASP A 329 2.84 20.77 -0.51
N ILE A 330 2.69 20.82 0.81
CA ILE A 330 1.54 20.23 1.50
C ILE A 330 0.21 20.97 1.31
N THR A 331 0.26 22.19 0.78
CA THR A 331 -0.95 22.99 0.50
C THR A 331 -1.51 22.73 -0.90
N ARG A 332 -0.75 21.98 -1.69
CA ARG A 332 -1.05 21.66 -3.07
C ARG A 332 -2.31 20.80 -3.11
N ASP A 333 -2.91 20.69 -4.28
CA ASP A 333 -4.01 19.75 -4.42
C ASP A 333 -3.59 18.47 -5.16
N ALA A 334 -4.00 17.35 -4.55
CA ALA A 334 -3.67 15.96 -4.89
C ALA A 334 -4.04 15.47 -6.27
N SER A 335 -4.84 16.28 -6.97
CA SER A 335 -5.83 15.78 -7.94
C SER A 335 -5.27 15.08 -9.16
N GLY A 336 -5.52 13.76 -9.19
CA GLY A 336 -5.05 12.95 -10.29
C GLY A 336 -3.92 12.04 -9.92
N GLY A 337 -3.42 12.07 -8.68
CA GLY A 337 -2.36 11.15 -8.29
C GLY A 337 -2.74 9.69 -8.60
N VAL A 338 -1.74 8.86 -8.96
CA VAL A 338 -1.97 7.41 -9.22
C VAL A 338 -1.52 6.50 -8.04
N PHE A 339 -1.29 7.08 -6.88
CA PHE A 339 -0.75 6.31 -5.75
C PHE A 339 -1.74 5.25 -5.22
N PHE A 340 -3.03 5.43 -5.47
CA PHE A 340 -4.05 4.44 -5.10
C PHE A 340 -4.56 3.66 -6.32
N GLY A 341 -3.81 3.71 -7.43
CA GLY A 341 -4.26 3.10 -8.69
C GLY A 341 -5.30 3.97 -9.41
N HIS A 342 -6.06 3.35 -10.32
CA HIS A 342 -6.95 4.05 -11.26
C HIS A 342 -7.78 2.99 -11.97
N GLY A 343 -9.07 3.26 -12.16
CA GLY A 343 -9.97 2.29 -12.82
C GLY A 343 -10.49 1.23 -11.85
N ILE A 344 -10.74 0.04 -12.37
CA ILE A 344 -11.55 -0.99 -11.65
C ILE A 344 -10.89 -1.50 -10.36
N HIS A 345 -9.55 -1.55 -10.32
CA HIS A 345 -8.83 -2.02 -9.13
C HIS A 345 -8.49 -0.89 -8.11
N PHE A 346 -9.00 0.31 -8.33
CA PHE A 346 -8.69 1.46 -7.44
C PHE A 346 -8.80 1.06 -5.97
N CYS A 347 -7.78 1.41 -5.19
CA CYS A 347 -7.65 0.98 -3.80
C CYS A 347 -8.97 0.98 -3.01
N LEU A 348 -9.37 -0.22 -2.58
CA LEU A 348 -10.60 -0.40 -1.78
C LEU A 348 -10.48 0.25 -0.40
N GLY A 349 -9.25 0.36 0.07
CA GLY A 349 -9.01 0.92 1.39
C GLY A 349 -8.54 2.36 1.42
N ALA A 350 -8.76 3.11 0.34
CA ALA A 350 -8.12 4.43 0.23
C ALA A 350 -8.56 5.43 1.34
N GLN A 351 -9.85 5.44 1.65
CA GLN A 351 -10.39 6.26 2.75
C GLN A 351 -9.73 5.91 4.08
N LEU A 352 -9.62 4.61 4.36
CA LEU A 352 -8.99 4.16 5.60
C LEU A 352 -7.48 4.48 5.62
N ALA A 353 -6.81 4.24 4.50
CA ALA A 353 -5.38 4.56 4.43
C ALA A 353 -5.17 6.05 4.71
N ARG A 354 -5.99 6.91 4.10
CA ARG A 354 -5.89 8.35 4.29
C ARG A 354 -6.18 8.74 5.75
N LEU A 355 -7.20 8.12 6.33
CA LEU A 355 -7.56 8.35 7.70
C LEU A 355 -6.40 7.96 8.63
N GLU A 356 -5.80 6.79 8.40
CA GLU A 356 -4.70 6.31 9.23
C GLU A 356 -3.45 7.21 9.08
N GLY A 357 -3.19 7.63 7.84
CA GLY A 357 -2.08 8.54 7.55
C GLY A 357 -2.21 9.85 8.32
N ARG A 358 -3.38 10.47 8.25
CA ARG A 358 -3.58 11.76 8.92
C ARG A 358 -3.54 11.65 10.45
N VAL A 359 -4.13 10.57 10.97
CA VAL A 359 -4.09 10.32 12.41
C VAL A 359 -2.65 10.03 12.88
N ALA A 360 -2.00 9.05 12.26
CA ALA A 360 -0.68 8.63 12.67
C ALA A 360 0.32 9.78 12.55
N ILE A 361 0.31 10.48 11.40
CA ILE A 361 1.32 11.50 11.12
C ILE A 361 0.99 12.76 11.89
N GLY A 362 -0.27 13.18 11.85
CA GLY A 362 -0.72 14.39 12.57
C GLY A 362 -0.54 14.33 14.08
N ARG A 363 -0.94 13.21 14.70
CA ARG A 363 -0.81 13.07 16.19
C ARG A 363 0.65 12.96 16.61
N LEU A 364 1.46 12.32 15.77
CA LEU A 364 2.90 12.20 16.06
C LEU A 364 3.56 13.58 16.18
N PHE A 365 3.38 14.41 15.17
CA PHE A 365 3.99 15.73 15.13
C PHE A 365 3.37 16.72 16.12
N ALA A 366 2.10 16.50 16.45
CA ALA A 366 1.45 17.26 17.55
C ALA A 366 2.06 16.91 18.92
N ASP A 367 2.22 15.61 19.17
CA ASP A 367 2.73 15.09 20.45
C ASP A 367 4.23 15.34 20.61
N ARG A 368 4.94 15.35 19.48
CA ARG A 368 6.42 15.50 19.46
C ARG A 368 6.94 16.60 18.53
N PRO A 369 6.67 17.90 18.86
CA PRO A 369 7.11 18.97 17.95
C PRO A 369 8.60 18.95 17.60
N GLU A 370 9.42 18.42 18.50
CA GLU A 370 10.88 18.38 18.29
C GLU A 370 11.44 17.07 17.74
N LEU A 371 10.59 16.15 17.30
CA LEU A 371 11.03 14.92 16.62
C LEU A 371 12.10 15.18 15.54
N ALA A 372 13.18 14.39 15.53
CA ALA A 372 14.29 14.59 14.61
C ALA A 372 14.89 13.25 14.21
N LEU A 373 15.35 13.14 12.97
CA LEU A 373 16.16 12.00 12.55
C LEU A 373 17.41 11.87 13.39
N ALA A 374 17.80 10.64 13.70
CA ALA A 374 19.02 10.41 14.49
C ALA A 374 20.18 9.92 13.61
N VAL A 375 19.97 9.94 12.30
CA VAL A 375 21.04 9.66 11.33
C VAL A 375 20.97 10.68 10.19
N GLY A 376 21.99 10.70 9.34
CA GLY A 376 21.94 11.42 8.07
C GLY A 376 21.09 10.66 7.07
N LEU A 377 20.53 11.41 6.13
CA LEU A 377 19.73 10.85 5.02
C LEU A 377 20.46 9.75 4.27
N ASP A 378 21.76 9.95 4.03
CA ASP A 378 22.60 8.98 3.32
C ASP A 378 22.83 7.67 4.09
N GLU A 379 22.40 7.62 5.35
CA GLU A 379 22.51 6.41 6.18
C GLU A 379 21.21 5.61 6.28
N LEU A 380 20.13 6.09 5.69
CA LEU A 380 18.83 5.38 5.80
C LEU A 380 18.82 4.13 4.92
N VAL A 381 18.24 3.06 5.43
CA VAL A 381 18.25 1.75 4.79
C VAL A 381 16.83 1.43 4.33
N TYR A 382 16.65 1.34 3.01
CA TYR A 382 15.37 0.99 2.39
C TYR A 382 15.25 -0.49 2.10
N ARG A 383 14.05 -1.01 2.25
CA ARG A 383 13.73 -2.37 1.83
C ARG A 383 14.03 -2.55 0.35
N GLU A 384 14.65 -3.67 0.00
CA GLU A 384 14.91 -3.95 -1.40
C GLU A 384 13.76 -4.80 -1.93
N SER A 385 12.64 -4.13 -2.21
CA SER A 385 11.43 -4.78 -2.63
C SER A 385 10.90 -3.96 -3.80
N THR A 386 10.74 -4.63 -4.94
CA THR A 386 10.45 -4.01 -6.21
C THR A 386 9.30 -3.02 -6.12
N LEU A 387 8.22 -3.43 -5.47
CA LEU A 387 6.94 -2.72 -5.49
C LEU A 387 6.74 -1.74 -4.33
N VAL A 388 7.77 -1.61 -3.49
CA VAL A 388 7.63 -0.93 -2.22
C VAL A 388 8.69 0.17 -2.09
N ARG A 389 8.25 1.34 -1.60
CA ARG A 389 9.17 2.40 -1.16
C ARG A 389 9.01 2.43 0.35
N GLY A 390 9.90 1.74 1.05
CA GLY A 390 9.71 1.54 2.48
C GLY A 390 11.00 1.46 3.24
N LEU A 391 11.06 2.22 4.33
CA LEU A 391 12.23 2.19 5.24
C LEU A 391 12.28 0.86 5.99
N SER A 392 13.44 0.25 6.11
CA SER A 392 13.49 -0.94 6.99
C SER A 392 13.48 -0.53 8.47
N ARG A 393 14.12 0.61 8.76
CA ARG A 393 14.21 1.22 10.11
C ARG A 393 14.24 2.73 9.91
N MET A 394 13.79 3.48 10.90
CA MET A 394 14.03 4.93 10.88
C MET A 394 14.51 5.38 12.26
N PRO A 395 15.85 5.55 12.44
CA PRO A 395 16.32 6.03 13.74
C PRO A 395 15.94 7.48 13.95
N VAL A 396 15.34 7.78 15.10
CA VAL A 396 14.89 9.13 15.48
C VAL A 396 15.17 9.42 16.95
N THR A 397 15.14 10.70 17.29
CA THR A 397 15.02 11.16 18.67
C THR A 397 13.65 11.82 18.76
N MET A 398 12.84 11.37 19.71
CA MET A 398 11.45 11.79 19.79
C MET A 398 11.35 13.21 20.33
N GLY A 399 12.26 13.56 21.24
CA GLY A 399 12.21 14.84 21.96
C GLY A 399 11.05 14.94 22.93
N PRO A 400 10.95 16.06 23.69
CA PRO A 400 9.92 16.23 24.73
C PRO A 400 8.49 16.20 24.19
N ARG A 401 7.56 15.72 25.01
CA ARG A 401 6.13 15.76 24.65
C ARG A 401 5.61 17.19 24.76
N SER A 402 4.76 17.63 23.84
CA SER A 402 4.23 19.01 23.92
C SER A 402 3.37 19.20 25.17
N ALA A 403 3.42 20.40 25.74
CA ALA A 403 2.81 20.72 27.05
C ALA A 403 1.27 20.70 27.04
CHA HEM B . -5.72 -1.95 -4.36
CHB HEM B . -2.46 1.30 -2.90
CHC HEM B . -4.10 0.84 1.69
CHD HEM B . -7.13 -2.61 0.23
C1A HEM B . -4.73 -1.01 -4.35
C2A HEM B . -4.03 -0.53 -5.52
C3A HEM B . -3.11 0.38 -5.10
C4A HEM B . -3.25 0.48 -3.68
CMA HEM B . -2.11 1.17 -5.93
CAA HEM B . -4.31 -0.96 -6.95
CBA HEM B . -3.60 -2.24 -7.37
CGA HEM B . -3.69 -2.51 -8.88
O1A HEM B . -4.32 -1.76 -9.65
O2A HEM B . -3.11 -3.49 -9.38
C1B HEM B . -2.61 1.44 -1.51
C2B HEM B . -1.82 2.33 -0.72
C3B HEM B . -2.29 2.22 0.59
C4B HEM B . -3.36 1.22 0.56
CMB HEM B . -0.72 3.24 -1.22
CAB HEM B . -1.82 2.89 1.83
CBB HEM B . -1.30 4.12 1.91
C1C HEM B . -5.11 -0.11 1.72
C2C HEM B . -5.87 -0.49 2.86
C3C HEM B . -6.75 -1.49 2.44
C4C HEM B . -6.49 -1.70 1.03
CMC HEM B . -5.74 0.13 4.24
CAC HEM B . -7.77 -2.24 3.22
CBC HEM B . -8.25 -1.83 4.39
C1D HEM B . -6.94 -2.70 -1.14
C2D HEM B . -7.70 -3.68 -1.94
C3D HEM B . -7.31 -3.50 -3.21
C4D HEM B . -6.31 -2.41 -3.19
CMD HEM B . -8.70 -4.68 -1.41
CAD HEM B . -7.79 -4.29 -4.43
CBD HEM B . -8.89 -3.55 -5.21
CGD HEM B . -9.38 -4.39 -6.35
O1D HEM B . -8.66 -5.29 -6.86
O2D HEM B . -10.54 -4.20 -6.82
NA HEM B . -4.23 -0.37 -3.25
NB HEM B . -3.51 0.83 -0.71
NC HEM B . -5.53 -0.83 0.64
ND HEM B . -6.14 -1.93 -1.93
FE HEM B . -4.90 -0.59 -1.36
C5 PG0 C . -1.39 -10.39 -3.84
O2 PG0 C . -1.42 -9.42 -2.78
C4 PG0 C . -2.22 -8.30 -3.14
C3 PG0 C . -2.24 -7.24 -2.04
O1 PG0 C . -1.45 -6.13 -2.44
C2 PG0 C . -2.18 -4.94 -2.71
C1 PG0 C . -1.45 -4.10 -3.75
OTT PG0 C . -1.18 -2.77 -3.31
#